data_8XAP
#
_entry.id   8XAP
#
_cell.length_a   48.253
_cell.length_b   68.922
_cell.length_c   173.558
_cell.angle_alpha   90.000
_cell.angle_beta   90.000
_cell.angle_gamma   90.000
#
_symmetry.space_group_name_H-M   'C 2 2 21'
#
loop_
_entity.id
_entity.type
_entity.pdbx_description
1 polymer 'DNA binding protein alba-1'
2 water water
#
_entity_poly.entity_id   1
_entity_poly.type   'polypeptide(L)'
_entity_poly.pdbx_seq_one_letter_code
;MSTKKPNEIVITKSKRIEDYVLDTIILFNQGYEEVEIRGSGQEINKAIEVYNQLVDRLKEGVRLEKVDIGSEVKDRRRIS
YILLRLKRIY
;
_entity_poly.pdbx_strand_id   A,B,C
#
# COMPACT_ATOMS: atom_id res chain seq x y z
N LYS A 5 -3.69 13.67 -15.67
CA LYS A 5 -2.46 13.21 -15.04
C LYS A 5 -2.60 12.44 -13.70
N PRO A 6 -3.60 12.72 -12.85
CA PRO A 6 -3.76 11.87 -11.66
C PRO A 6 -4.27 10.48 -11.99
N ASN A 7 -4.87 10.28 -13.15
CA ASN A 7 -5.21 8.94 -13.63
C ASN A 7 -4.17 8.38 -14.57
N GLU A 8 -2.95 8.91 -14.53
CA GLU A 8 -1.81 8.35 -15.25
C GLU A 8 -0.85 7.75 -14.22
N ILE A 9 -0.71 6.44 -14.24
CA ILE A 9 0.16 5.72 -13.31
C ILE A 9 1.41 5.26 -14.04
N VAL A 10 2.56 5.40 -13.38
CA VAL A 10 3.82 4.84 -13.85
C VAL A 10 4.21 3.73 -12.87
N ILE A 11 4.44 2.53 -13.39
CA ILE A 11 4.85 1.40 -12.56
C ILE A 11 6.36 1.48 -12.39
N THR A 12 6.82 1.49 -11.14
CA THR A 12 8.25 1.42 -10.85
C THR A 12 8.53 0.23 -9.94
N LYS A 13 9.79 0.06 -9.54
CA LYS A 13 10.11 -0.98 -8.58
C LYS A 13 9.63 -0.68 -7.17
N SER A 14 9.19 0.55 -6.90
CA SER A 14 9.03 0.99 -5.51
C SER A 14 7.91 0.28 -4.75
N LYS A 15 6.80 -0.01 -5.40
CA LYS A 15 5.64 -0.52 -4.67
C LYS A 15 5.30 -1.92 -5.17
N ARG A 16 4.50 -2.65 -4.40
CA ARG A 16 4.06 -3.96 -4.88
C ARG A 16 2.99 -3.82 -5.96
N ILE A 17 2.89 -4.86 -6.80
CA ILE A 17 1.78 -5.02 -7.73
C ILE A 17 0.47 -4.68 -7.04
N GLU A 18 0.26 -5.26 -5.84
CA GLU A 18 -1.03 -5.09 -5.17
C GLU A 18 -1.28 -3.64 -4.80
N ASP A 19 -0.21 -2.88 -4.55
CA ASP A 19 -0.39 -1.46 -4.25
C ASP A 19 -0.88 -0.69 -5.47
N TYR A 20 -0.32 -1.00 -6.65
CA TYR A 20 -0.77 -0.32 -7.87
C TYR A 20 -2.19 -0.73 -8.25
N VAL A 21 -2.58 -1.98 -7.98
CA VAL A 21 -3.96 -2.39 -8.20
C VAL A 21 -4.90 -1.55 -7.34
N LEU A 22 -4.58 -1.43 -6.06
CA LEU A 22 -5.39 -0.62 -5.17
C LEU A 22 -5.42 0.85 -5.63
N ASP A 23 -4.26 1.41 -6.01
CA ASP A 23 -4.22 2.76 -6.59
C ASP A 23 -5.20 2.91 -7.75
N THR A 24 -5.23 1.92 -8.64
CA THR A 24 -6.08 2.03 -9.83
C THR A 24 -7.56 1.96 -9.46
N ILE A 25 -7.94 1.03 -8.58
CA ILE A 25 -9.34 0.93 -8.21
C ILE A 25 -9.79 2.18 -7.44
N ILE A 26 -8.89 2.77 -6.65
CA ILE A 26 -9.24 4.00 -5.97
C ILE A 26 -9.49 5.11 -6.98
N LEU A 27 -8.67 5.20 -8.03
CA LEU A 27 -8.90 6.23 -9.04
C LEU A 27 -10.23 6.00 -9.75
N PHE A 28 -10.51 4.74 -10.14
CA PHE A 28 -11.82 4.41 -10.69
C PHE A 28 -12.92 4.84 -9.72
N ASN A 29 -12.76 4.50 -8.44
CA ASN A 29 -13.80 4.81 -7.46
C ASN A 29 -14.04 6.31 -7.36
N GLN A 30 -12.96 7.10 -7.52
CA GLN A 30 -13.04 8.55 -7.46
C GLN A 30 -13.62 9.18 -8.71
N GLY A 31 -13.95 8.39 -9.73
CA GLY A 31 -14.68 8.91 -10.87
C GLY A 31 -13.90 9.00 -12.16
N TYR A 32 -12.62 8.65 -12.18
CA TYR A 32 -11.87 8.58 -13.43
C TYR A 32 -12.31 7.33 -14.17
N GLU A 33 -13.00 7.48 -15.30
CA GLU A 33 -13.46 6.28 -15.99
C GLU A 33 -12.34 5.56 -16.71
N GLU A 34 -11.26 6.26 -17.05
CA GLU A 34 -10.10 5.64 -17.67
C GLU A 34 -8.84 5.97 -16.90
N VAL A 35 -7.95 4.97 -16.80
CA VAL A 35 -6.65 5.13 -16.16
C VAL A 35 -5.60 4.58 -17.11
N GLU A 36 -4.50 5.32 -17.27
CA GLU A 36 -3.35 4.89 -18.07
C GLU A 36 -2.31 4.30 -17.14
N ILE A 37 -1.75 3.15 -17.52
CA ILE A 37 -0.70 2.52 -16.76
C ILE A 37 0.50 2.34 -17.68
N ARG A 38 1.63 2.91 -17.29
CA ARG A 38 2.85 2.87 -18.07
C ARG A 38 3.91 2.08 -17.34
N GLY A 39 4.58 1.19 -18.07
CA GLY A 39 5.72 0.47 -17.54
C GLY A 39 6.80 0.40 -18.59
N SER A 40 8.05 0.43 -18.14
CA SER A 40 9.18 0.36 -19.05
C SER A 40 10.22 -0.62 -18.51
N GLY A 41 11.00 -1.18 -19.44
CA GLY A 41 12.05 -2.13 -19.08
C GLY A 41 11.53 -3.29 -18.25
N GLN A 42 12.24 -3.57 -17.16
CA GLN A 42 11.89 -4.65 -16.23
C GLN A 42 10.48 -4.49 -15.65
N GLU A 43 9.90 -3.30 -15.70
CA GLU A 43 8.58 -3.09 -15.13
C GLU A 43 7.45 -3.26 -16.14
N ILE A 44 7.74 -3.71 -17.36
CA ILE A 44 6.65 -4.03 -18.28
C ILE A 44 5.88 -5.24 -17.77
N ASN A 45 6.60 -6.28 -17.35
CA ASN A 45 5.94 -7.46 -16.77
C ASN A 45 5.11 -7.06 -15.57
N LYS A 46 5.65 -6.17 -14.72
CA LYS A 46 4.91 -5.69 -13.55
C LYS A 46 3.62 -4.99 -13.93
N ALA A 47 3.68 -4.10 -14.94
CA ALA A 47 2.46 -3.41 -15.38
C ALA A 47 1.43 -4.41 -15.88
N ILE A 48 1.85 -5.41 -16.63
CA ILE A 48 0.90 -6.41 -17.10
C ILE A 48 0.32 -7.19 -15.94
N GLU A 49 1.11 -7.43 -14.89
CA GLU A 49 0.54 -8.15 -13.75
C GLU A 49 -0.43 -7.27 -12.98
N VAL A 50 -0.20 -5.96 -12.95
CA VAL A 50 -1.21 -5.06 -12.38
C VAL A 50 -2.52 -5.17 -13.17
N TYR A 51 -2.43 -5.16 -14.51
CA TYR A 51 -3.62 -5.35 -15.32
C TYR A 51 -4.30 -6.67 -15.03
N ASN A 52 -3.52 -7.74 -14.92
CA ASN A 52 -4.12 -9.05 -14.69
C ASN A 52 -4.85 -9.11 -13.36
N GLN A 53 -4.29 -8.50 -12.32
CA GLN A 53 -4.96 -8.52 -11.02
C GLN A 53 -6.22 -7.66 -11.06
N LEU A 54 -6.20 -6.57 -11.82
CA LEU A 54 -7.41 -5.76 -11.99
C LEU A 54 -8.51 -6.57 -12.67
N VAL A 55 -8.17 -7.26 -13.77
CA VAL A 55 -9.15 -8.11 -14.45
C VAL A 55 -9.64 -9.23 -13.55
N ASP A 56 -8.74 -9.80 -12.74
CA ASP A 56 -9.14 -10.85 -11.81
C ASP A 56 -10.25 -10.37 -10.89
N ARG A 57 -10.16 -9.11 -10.46
CA ARG A 57 -11.09 -8.52 -9.49
C ARG A 57 -12.36 -8.03 -10.18
N LEU A 58 -12.19 -7.25 -11.26
CA LEU A 58 -13.30 -6.52 -11.84
C LEU A 58 -13.98 -7.26 -12.98
N LYS A 59 -13.24 -8.15 -13.65
CA LYS A 59 -13.79 -9.00 -14.72
C LYS A 59 -14.36 -8.08 -15.80
N GLU A 60 -15.65 -8.16 -16.11
CA GLU A 60 -16.29 -7.37 -17.15
C GLU A 60 -16.25 -5.88 -16.84
N GLY A 61 -16.12 -5.52 -15.57
CA GLY A 61 -16.15 -4.13 -15.12
C GLY A 61 -14.93 -3.33 -15.46
N VAL A 62 -13.92 -3.96 -16.07
CA VAL A 62 -12.77 -3.24 -16.58
C VAL A 62 -12.52 -3.72 -18.01
N ARG A 63 -12.14 -2.79 -18.87
CA ARG A 63 -11.92 -3.07 -20.28
C ARG A 63 -10.57 -2.50 -20.68
N LEU A 64 -9.82 -3.28 -21.44
CA LEU A 64 -8.53 -2.83 -21.96
C LEU A 64 -8.79 -2.04 -23.24
N GLU A 65 -8.71 -0.70 -23.12
CA GLU A 65 -9.10 0.17 -24.22
C GLU A 65 -8.02 0.29 -25.28
N LYS A 66 -6.75 0.23 -24.89
CA LYS A 66 -5.68 0.43 -25.85
C LYS A 66 -4.37 -0.05 -25.25
N VAL A 67 -3.55 -0.68 -26.08
CA VAL A 67 -2.19 -1.11 -25.73
C VAL A 67 -1.24 -0.50 -26.73
N ASP A 68 -0.22 0.22 -26.24
CA ASP A 68 0.87 0.74 -27.05
C ASP A 68 2.17 0.15 -26.54
N ILE A 69 3.06 -0.25 -27.46
CA ILE A 69 4.42 -0.65 -27.12
C ILE A 69 5.40 0.12 -27.99
N GLY A 70 6.61 0.26 -27.47
CA GLY A 70 7.65 0.88 -28.27
C GLY A 70 8.94 0.96 -27.49
N SER A 71 9.82 1.83 -27.92
CA SER A 71 11.03 2.13 -27.19
C SER A 71 11.08 3.62 -26.89
N GLU A 72 11.70 3.96 -25.77
CA GLU A 72 11.79 5.34 -25.32
C GLU A 72 13.20 5.63 -24.82
N ARG A 78 17.80 3.38 -24.66
CA ARG A 78 17.11 2.41 -25.50
C ARG A 78 16.47 1.34 -24.62
N ILE A 79 15.23 1.58 -24.20
CA ILE A 79 14.51 0.68 -23.34
C ILE A 79 13.08 0.53 -23.87
N SER A 80 12.48 -0.63 -23.59
CA SER A 80 11.13 -0.92 -24.05
C SER A 80 10.11 -0.30 -23.10
N TYR A 81 8.92 -0.02 -23.61
CA TYR A 81 7.83 0.40 -22.75
C TYR A 81 6.53 -0.22 -23.22
N ILE A 82 5.56 -0.23 -22.31
CA ILE A 82 4.18 -0.57 -22.61
C ILE A 82 3.28 0.50 -21.99
N LEU A 83 2.20 0.81 -22.67
CA LEU A 83 1.20 1.77 -22.20
C LEU A 83 -0.18 1.14 -22.33
N LEU A 84 -0.89 1.02 -21.22
CA LEU A 84 -2.20 0.39 -21.19
C LEU A 84 -3.23 1.44 -20.80
N ARG A 85 -4.31 1.53 -21.58
CA ARG A 85 -5.46 2.36 -21.22
C ARG A 85 -6.59 1.43 -20.77
N LEU A 86 -7.01 1.56 -19.50
CA LEU A 86 -8.08 0.74 -18.96
C LEU A 86 -9.30 1.60 -18.68
N LYS A 87 -10.49 1.01 -18.85
CA LYS A 87 -11.74 1.72 -18.65
C LYS A 87 -12.64 0.97 -17.68
N ARG A 88 -13.13 1.69 -16.67
CA ARG A 88 -14.14 1.15 -15.76
C ARG A 88 -15.50 1.13 -16.45
N ILE A 89 -16.21 0.01 -16.29
CA ILE A 89 -17.55 -0.09 -16.87
C ILE A 89 -18.52 -0.51 -15.78
N TYR A 90 -19.57 0.30 -15.62
CA TYR A 90 -20.54 0.15 -14.57
C TYR A 90 -21.82 -0.45 -15.12
N LYS B 5 -25.90 -6.96 4.75
CA LYS B 5 -25.27 -8.26 4.59
C LYS B 5 -23.97 -8.16 3.75
N PRO B 6 -24.00 -7.48 2.59
CA PRO B 6 -22.75 -7.41 1.80
C PRO B 6 -21.61 -6.73 2.52
N ASN B 7 -21.89 -5.81 3.44
CA ASN B 7 -20.85 -5.09 4.16
C ASN B 7 -20.46 -5.76 5.47
N GLU B 8 -20.89 -7.01 5.70
CA GLU B 8 -20.49 -7.81 6.84
C GLU B 8 -19.58 -8.90 6.30
N ILE B 9 -18.28 -8.69 6.46
CA ILE B 9 -17.23 -9.53 5.87
C ILE B 9 -16.78 -10.51 6.94
N VAL B 10 -16.60 -11.78 6.55
CA VAL B 10 -16.01 -12.78 7.47
C VAL B 10 -14.68 -13.23 6.89
N ILE B 11 -13.61 -13.10 7.69
CA ILE B 11 -12.26 -13.43 7.23
C ILE B 11 -12.09 -14.93 7.34
N THR B 12 -11.78 -15.59 6.24
CA THR B 12 -11.51 -17.02 6.32
C THR B 12 -10.10 -17.29 5.81
N LYS B 13 -9.72 -18.57 5.80
CA LYS B 13 -8.38 -18.84 5.29
C LYS B 13 -8.25 -18.74 3.77
N SER B 14 -9.34 -18.67 2.99
CA SER B 14 -9.18 -18.97 1.57
C SER B 14 -8.86 -17.78 0.66
N LYS B 15 -8.96 -16.55 1.11
CA LYS B 15 -8.51 -15.44 0.27
C LYS B 15 -7.21 -14.87 0.81
N ARG B 16 -6.62 -13.91 0.08
CA ARG B 16 -5.48 -13.16 0.60
C ARG B 16 -5.95 -11.94 1.39
N ILE B 17 -5.09 -11.47 2.30
CA ILE B 17 -5.37 -10.22 3.01
C ILE B 17 -5.69 -9.10 2.01
N GLU B 18 -4.88 -9.01 0.96
CA GLU B 18 -5.08 -7.98 -0.05
C GLU B 18 -6.43 -8.07 -0.72
N ASP B 19 -6.97 -9.29 -0.87
CA ASP B 19 -8.31 -9.48 -1.43
C ASP B 19 -9.37 -8.85 -0.53
N TYR B 20 -9.25 -9.06 0.79
CA TYR B 20 -10.23 -8.46 1.70
C TYR B 20 -10.11 -6.95 1.75
N VAL B 21 -8.88 -6.42 1.67
CA VAL B 21 -8.69 -4.98 1.57
C VAL B 21 -9.43 -4.42 0.36
N LEU B 22 -9.27 -5.04 -0.81
CA LEU B 22 -10.01 -4.60 -1.99
C LEU B 22 -11.51 -4.69 -1.80
N ASP B 23 -11.99 -5.82 -1.24
CA ASP B 23 -13.41 -5.99 -0.97
C ASP B 23 -13.96 -4.81 -0.19
N THR B 24 -13.23 -4.40 0.85
CA THR B 24 -13.70 -3.31 1.72
C THR B 24 -13.76 -1.99 0.98
N ILE B 25 -12.70 -1.67 0.22
CA ILE B 25 -12.67 -0.39 -0.48
C ILE B 25 -13.75 -0.35 -1.54
N ILE B 26 -14.04 -1.48 -2.17
CA ILE B 26 -15.12 -1.53 -3.16
C ILE B 26 -16.47 -1.34 -2.46
N LEU B 27 -16.63 -1.92 -1.27
CA LEU B 27 -17.88 -1.77 -0.53
C LEU B 27 -18.10 -0.32 -0.16
N PHE B 28 -17.05 0.34 0.36
CA PHE B 28 -17.13 1.78 0.64
C PHE B 28 -17.62 2.53 -0.59
N ASN B 29 -17.09 2.18 -1.77
CA ASN B 29 -17.46 2.88 -2.99
C ASN B 29 -18.89 2.57 -3.41
N GLN B 30 -19.39 1.36 -3.13
CA GLN B 30 -20.76 1.00 -3.48
C GLN B 30 -21.79 1.70 -2.61
N GLY B 31 -21.38 2.37 -1.53
CA GLY B 31 -22.31 3.10 -0.69
C GLY B 31 -22.40 2.60 0.73
N TYR B 32 -21.62 1.60 1.11
CA TYR B 32 -21.58 1.12 2.49
C TYR B 32 -20.54 1.96 3.24
N GLU B 33 -21.01 3.06 3.83
CA GLU B 33 -20.17 3.93 4.66
C GLU B 33 -19.45 3.17 5.77
N GLU B 34 -20.09 2.12 6.31
CA GLU B 34 -19.51 1.32 7.38
C GLU B 34 -19.49 -0.14 6.96
N VAL B 35 -18.37 -0.79 7.23
CA VAL B 35 -18.13 -2.19 6.87
C VAL B 35 -17.68 -2.88 8.14
N GLU B 36 -18.23 -4.07 8.40
CA GLU B 36 -17.83 -4.86 9.55
C GLU B 36 -16.97 -6.01 9.08
N ILE B 37 -15.88 -6.24 9.81
CA ILE B 37 -14.93 -7.31 9.52
C ILE B 37 -14.87 -8.23 10.73
N ARG B 38 -15.23 -9.50 10.54
CA ARG B 38 -15.26 -10.47 11.62
C ARG B 38 -14.18 -11.52 11.37
N GLY B 39 -13.41 -11.84 12.41
CA GLY B 39 -12.52 -12.98 12.36
C GLY B 39 -12.68 -13.81 13.61
N SER B 40 -12.53 -15.12 13.46
CA SER B 40 -12.58 -15.96 14.66
C SER B 40 -11.40 -16.93 14.65
N GLY B 41 -11.04 -17.42 15.83
CA GLY B 41 -9.97 -18.40 15.92
C GLY B 41 -8.68 -17.88 15.32
N GLN B 42 -8.05 -18.73 14.48
CA GLN B 42 -6.79 -18.40 13.81
C GLN B 42 -6.91 -17.17 12.90
N GLU B 43 -8.12 -16.83 12.48
CA GLU B 43 -8.26 -15.72 11.56
C GLU B 43 -8.43 -14.36 12.22
N ILE B 44 -8.33 -14.28 13.55
CA ILE B 44 -8.34 -12.96 14.21
C ILE B 44 -7.10 -12.16 13.83
N ASN B 45 -5.95 -12.83 13.83
CA ASN B 45 -4.71 -12.20 13.39
C ASN B 45 -4.88 -11.67 11.97
N LYS B 46 -5.54 -12.44 11.12
CA LYS B 46 -5.67 -12.04 9.72
C LYS B 46 -6.61 -10.85 9.57
N ALA B 47 -7.72 -10.84 10.33
CA ALA B 47 -8.62 -9.68 10.33
C ALA B 47 -7.87 -8.41 10.73
N ILE B 48 -7.01 -8.47 11.74
CA ILE B 48 -6.26 -7.28 12.12
C ILE B 48 -5.29 -6.88 11.02
N GLU B 49 -4.72 -7.86 10.31
CA GLU B 49 -3.83 -7.53 9.19
C GLU B 49 -4.59 -6.80 8.07
N VAL B 50 -5.84 -7.20 7.81
CA VAL B 50 -6.68 -6.49 6.84
C VAL B 50 -6.90 -5.05 7.28
N TYR B 51 -7.28 -4.87 8.55
CA TYR B 51 -7.39 -3.51 9.11
C TYR B 51 -6.11 -2.72 8.93
N ASN B 52 -4.97 -3.31 9.29
CA ASN B 52 -3.72 -2.58 9.21
C ASN B 52 -3.42 -2.16 7.79
N GLN B 53 -3.71 -3.02 6.80
CA GLN B 53 -3.46 -2.63 5.41
C GLN B 53 -4.43 -1.53 4.96
N LEU B 54 -5.68 -1.58 5.43
CA LEU B 54 -6.65 -0.52 5.12
C LEU B 54 -6.20 0.81 5.69
N VAL B 55 -5.74 0.83 6.94
CA VAL B 55 -5.26 2.07 7.54
C VAL B 55 -4.03 2.59 6.79
N ASP B 56 -3.12 1.68 6.41
CA ASP B 56 -1.91 2.10 5.71
C ASP B 56 -2.26 2.84 4.42
N ARG B 57 -3.31 2.41 3.72
CA ARG B 57 -3.67 3.05 2.45
C ARG B 57 -4.57 4.27 2.65
N LEU B 58 -5.59 4.14 3.49
CA LEU B 58 -6.61 5.20 3.60
C LEU B 58 -6.31 6.23 4.67
N LYS B 59 -5.48 5.92 5.67
CA LYS B 59 -5.09 6.91 6.69
C LYS B 59 -6.33 7.51 7.34
N GLU B 60 -6.45 8.84 7.38
CA GLU B 60 -7.57 9.54 8.01
C GLU B 60 -8.88 9.19 7.36
N GLY B 61 -8.83 8.72 6.12
CA GLY B 61 -10.01 8.38 5.37
C GLY B 61 -10.77 7.18 5.88
N VAL B 62 -10.27 6.51 6.92
CA VAL B 62 -11.00 5.40 7.52
C VAL B 62 -10.85 5.49 9.03
N ARG B 63 -11.90 5.09 9.73
CA ARG B 63 -11.95 5.23 11.18
C ARG B 63 -12.36 3.89 11.76
N LEU B 64 -11.66 3.44 12.80
CA LEU B 64 -12.10 2.27 13.56
C LEU B 64 -13.16 2.72 14.55
N GLU B 65 -14.42 2.45 14.23
CA GLU B 65 -15.52 2.90 15.06
C GLU B 65 -15.68 2.06 16.32
N LYS B 66 -15.40 0.76 16.24
CA LYS B 66 -15.71 -0.12 17.35
C LYS B 66 -14.92 -1.39 17.17
N VAL B 67 -14.40 -1.92 18.27
CA VAL B 67 -13.81 -3.25 18.32
C VAL B 67 -14.57 -4.03 19.38
N ASP B 68 -15.11 -5.18 19.00
CA ASP B 68 -15.73 -6.10 19.93
C ASP B 68 -14.92 -7.39 19.93
N ILE B 69 -14.76 -7.99 21.11
CA ILE B 69 -14.17 -9.32 21.23
C ILE B 69 -15.08 -10.16 22.10
N GLY B 70 -14.92 -11.48 21.98
CA GLY B 70 -15.76 -12.38 22.76
C GLY B 70 -15.58 -13.80 22.27
N SER B 71 -16.59 -14.62 22.52
CA SER B 71 -16.50 -15.99 22.03
C SER B 71 -17.72 -16.32 21.18
N GLU B 72 -17.54 -17.32 20.33
CA GLU B 72 -18.59 -17.81 19.45
C GLU B 72 -18.46 -19.32 19.40
N VAL B 73 -19.47 -19.98 18.85
CA VAL B 73 -19.51 -21.44 18.78
C VAL B 73 -19.33 -21.86 17.33
N LYS B 74 -18.42 -22.77 17.09
CA LYS B 74 -18.25 -23.38 15.77
C LYS B 74 -17.98 -24.87 15.99
N ASP B 75 -18.86 -25.71 15.44
CA ASP B 75 -18.68 -27.16 15.47
C ASP B 75 -18.48 -27.66 16.89
N ARG B 76 -19.37 -27.22 17.78
CA ARG B 76 -19.42 -27.68 19.18
C ARG B 76 -18.17 -27.30 19.97
N ARG B 77 -17.44 -26.28 19.52
CA ARG B 77 -16.31 -25.73 20.25
C ARG B 77 -16.51 -24.23 20.41
N ARG B 78 -16.12 -23.70 21.57
CA ARG B 78 -16.16 -22.26 21.78
C ARG B 78 -14.81 -21.67 21.39
N ILE B 79 -14.81 -20.65 20.53
CA ILE B 79 -13.58 -20.06 19.99
C ILE B 79 -13.66 -18.55 20.10
N SER B 80 -12.50 -17.89 20.08
CA SER B 80 -12.45 -16.42 20.15
C SER B 80 -12.96 -15.77 18.86
N TYR B 81 -13.49 -14.56 18.98
CA TYR B 81 -13.73 -13.73 17.80
C TYR B 81 -13.33 -12.28 18.05
N ILE B 82 -13.12 -11.55 16.94
CA ILE B 82 -13.03 -10.09 16.94
C ILE B 82 -14.01 -9.58 15.89
N LEU B 83 -14.61 -8.43 16.17
CA LEU B 83 -15.47 -7.78 15.19
C LEU B 83 -15.06 -6.32 15.12
N LEU B 84 -14.67 -5.86 13.92
CA LEU B 84 -14.20 -4.51 13.68
C LEU B 84 -15.27 -3.78 12.90
N ARG B 85 -15.66 -2.60 13.34
CA ARG B 85 -16.55 -1.80 12.51
C ARG B 85 -15.72 -0.63 12.00
N LEU B 86 -15.64 -0.50 10.68
CA LEU B 86 -14.81 0.49 10.02
C LEU B 86 -15.70 1.48 9.29
N LYS B 87 -15.36 2.76 9.40
CA LYS B 87 -16.15 3.81 8.76
C LYS B 87 -15.29 4.59 7.76
N ARG B 88 -15.80 4.77 6.55
CA ARG B 88 -15.14 5.64 5.58
C ARG B 88 -15.42 7.09 5.94
N ILE B 89 -14.36 7.91 6.00
CA ILE B 89 -14.42 9.30 6.41
C ILE B 89 -14.23 10.19 5.18
N TYR B 90 -15.15 11.12 4.98
CA TYR B 90 -15.07 11.99 3.81
C TYR B 90 -14.63 13.40 4.21
N PRO C 6 13.38 -3.47 0.49
CA PRO C 6 14.63 -3.18 -0.23
C PRO C 6 14.83 -1.68 -0.40
N ASN C 7 13.79 -0.98 -0.86
CA ASN C 7 13.74 0.47 -0.76
C ASN C 7 13.14 0.91 0.56
N GLU C 8 12.99 -0.01 1.50
CA GLU C 8 12.48 0.27 2.84
C GLU C 8 13.67 0.09 3.78
N ILE C 9 14.36 1.19 4.03
CA ILE C 9 15.63 1.20 4.76
C ILE C 9 15.35 1.39 6.24
N VAL C 10 16.08 0.66 7.08
CA VAL C 10 16.00 0.80 8.54
C VAL C 10 17.37 1.21 9.05
N ILE C 11 17.43 2.36 9.72
CA ILE C 11 18.70 2.93 10.18
C ILE C 11 19.14 2.21 11.45
N THR C 12 20.42 1.81 11.48
CA THR C 12 21.03 1.14 12.62
C THR C 12 22.21 1.96 13.14
N LYS C 13 22.87 1.46 14.19
CA LYS C 13 24.03 2.15 14.73
C LYS C 13 25.32 1.82 13.99
N SER C 14 25.38 0.68 13.32
CA SER C 14 26.62 0.25 12.69
C SER C 14 27.01 1.16 11.54
N LYS C 15 26.15 1.27 10.54
CA LYS C 15 26.47 2.01 9.33
C LYS C 15 26.57 3.51 9.60
N ARG C 16 27.46 4.16 8.85
CA ARG C 16 27.57 5.61 8.86
C ARG C 16 26.44 6.24 8.06
N ILE C 17 26.25 7.54 8.25
CA ILE C 17 25.21 8.26 7.51
C ILE C 17 25.51 8.21 6.01
N GLU C 18 26.78 8.26 5.63
CA GLU C 18 27.15 8.31 4.22
C GLU C 18 26.87 7.00 3.51
N ASP C 19 26.93 5.86 4.22
CA ASP C 19 26.59 4.59 3.58
C ASP C 19 25.10 4.50 3.29
N TYR C 20 24.26 5.01 4.19
CA TYR C 20 22.83 5.04 3.92
C TYR C 20 22.50 6.01 2.79
N VAL C 21 23.21 7.14 2.73
CA VAL C 21 23.07 8.07 1.61
C VAL C 21 23.42 7.38 0.30
N LEU C 22 24.59 6.72 0.27
CA LEU C 22 24.98 5.93 -0.90
C LEU C 22 23.91 4.90 -1.25
N ASP C 23 23.43 4.19 -0.23
CA ASP C 23 22.38 3.19 -0.41
C ASP C 23 21.17 3.79 -1.14
N THR C 24 20.68 4.94 -0.66
CA THR C 24 19.46 5.53 -1.20
C THR C 24 19.65 5.94 -2.65
N ILE C 25 20.76 6.61 -2.94
CA ILE C 25 20.99 7.07 -4.31
C ILE C 25 21.05 5.89 -5.28
N ILE C 26 21.67 4.79 -4.86
CA ILE C 26 21.75 3.61 -5.72
C ILE C 26 20.35 3.04 -5.96
N LEU C 27 19.52 2.99 -4.92
CA LEU C 27 18.14 2.55 -5.11
C LEU C 27 17.42 3.42 -6.13
N PHE C 28 17.54 4.74 -5.97
CA PHE C 28 16.99 5.68 -6.94
C PHE C 28 17.39 5.31 -8.37
N ASN C 29 18.68 5.05 -8.59
CA ASN C 29 19.15 4.74 -9.94
C ASN C 29 18.70 3.35 -10.41
N GLN C 30 18.44 2.44 -9.48
CA GLN C 30 17.99 1.10 -9.83
C GLN C 30 16.52 1.04 -10.21
N GLY C 31 15.77 2.13 -10.05
CA GLY C 31 14.36 2.15 -10.42
C GLY C 31 13.41 2.37 -9.26
N TYR C 32 13.88 2.44 -8.01
CA TYR C 32 13.05 2.69 -6.85
C TYR C 32 12.87 4.19 -6.71
N GLU C 33 11.81 4.71 -7.35
CA GLU C 33 11.57 6.16 -7.35
C GLU C 33 11.33 6.69 -5.95
N GLU C 34 10.73 5.89 -5.07
CA GLU C 34 10.47 6.30 -3.70
C GLU C 34 11.21 5.35 -2.78
N VAL C 35 11.88 5.90 -1.77
CA VAL C 35 12.64 5.15 -0.79
C VAL C 35 12.12 5.56 0.58
N GLU C 36 11.92 4.59 1.46
CA GLU C 36 11.46 4.85 2.81
C GLU C 36 12.63 4.67 3.77
N ILE C 37 12.82 5.64 4.67
CA ILE C 37 13.89 5.60 5.66
C ILE C 37 13.25 5.62 7.03
N ARG C 38 13.48 4.57 7.81
CA ARG C 38 12.89 4.43 9.13
C ARG C 38 13.99 4.47 10.19
N GLY C 39 13.77 5.27 11.20
CA GLY C 39 14.67 5.30 12.35
C GLY C 39 13.87 5.21 13.62
N SER C 40 14.42 4.54 14.61
CA SER C 40 13.73 4.35 15.87
C SER C 40 14.61 4.80 17.03
N GLY C 41 13.96 5.35 18.07
CA GLY C 41 14.65 5.85 19.23
C GLY C 41 15.88 6.71 18.96
N GLN C 42 17.05 6.19 19.34
CA GLN C 42 18.29 6.92 19.13
C GLN C 42 18.52 7.28 17.67
N GLU C 43 18.13 6.42 16.75
CA GLU C 43 18.41 6.62 15.34
C GLU C 43 17.36 7.41 14.59
N ILE C 44 16.47 8.07 15.30
CA ILE C 44 15.62 9.07 14.65
C ILE C 44 16.47 10.24 14.17
N ASN C 45 17.34 10.74 15.04
CA ASN C 45 18.20 11.86 14.65
C ASN C 45 19.07 11.47 13.47
N LYS C 46 19.52 10.21 13.44
CA LYS C 46 20.35 9.70 12.35
C LYS C 46 19.59 9.71 11.03
N ALA C 47 18.36 9.20 11.03
CA ALA C 47 17.55 9.15 9.80
C ALA C 47 17.37 10.54 9.20
N ILE C 48 17.11 11.54 10.04
CA ILE C 48 16.94 12.90 9.52
C ILE C 48 18.23 13.39 8.89
N GLU C 49 19.37 13.03 9.48
CA GLU C 49 20.67 13.41 8.94
C GLU C 49 20.92 12.79 7.57
N VAL C 50 20.51 11.53 7.39
CA VAL C 50 20.57 10.91 6.06
C VAL C 50 19.77 11.74 5.07
N TYR C 51 18.54 12.10 5.45
CA TYR C 51 17.70 12.95 4.61
C TYR C 51 18.38 14.27 4.28
N ASN C 52 18.94 14.94 5.30
CA ASN C 52 19.52 16.27 5.05
C ASN C 52 20.70 16.19 4.08
N GLN C 53 21.51 15.12 4.16
CA GLN C 53 22.60 14.99 3.19
C GLN C 53 22.10 14.66 1.80
N LEU C 54 21.09 13.80 1.68
CA LEU C 54 20.50 13.59 0.36
C LEU C 54 19.98 14.89 -0.22
N VAL C 55 19.41 15.76 0.61
CA VAL C 55 19.00 17.06 0.11
C VAL C 55 20.22 17.91 -0.25
N ASP C 56 21.25 17.87 0.58
CA ASP C 56 22.44 18.69 0.35
C ASP C 56 23.18 18.30 -0.94
N ARG C 57 23.04 17.06 -1.39
CA ARG C 57 23.70 16.59 -2.60
C ARG C 57 22.79 16.47 -3.81
N LEU C 58 21.51 16.17 -3.61
CA LEU C 58 20.56 16.04 -4.72
C LEU C 58 19.72 17.28 -4.94
N LYS C 59 19.64 18.17 -3.95
CA LYS C 59 18.90 19.44 -4.04
C LYS C 59 17.47 19.14 -4.45
N GLU C 60 16.94 19.77 -5.50
CA GLU C 60 15.56 19.55 -5.92
C GLU C 60 15.34 18.20 -6.58
N GLY C 61 16.40 17.39 -6.75
CA GLY C 61 16.23 16.06 -7.28
C GLY C 61 15.59 15.07 -6.33
N VAL C 62 15.37 15.47 -5.08
CA VAL C 62 14.76 14.63 -4.06
C VAL C 62 13.72 15.42 -3.29
N ARG C 63 12.58 14.78 -3.03
CA ARG C 63 11.44 15.43 -2.40
C ARG C 63 11.03 14.60 -1.18
N LEU C 64 10.78 15.28 -0.06
CA LEU C 64 10.18 14.64 1.10
C LEU C 64 8.69 14.48 0.85
N GLU C 65 8.25 13.25 0.61
CA GLU C 65 6.84 13.04 0.32
C GLU C 65 5.99 12.97 1.57
N LYS C 66 6.53 12.41 2.64
CA LYS C 66 5.69 12.07 3.77
C LYS C 66 6.61 11.89 4.97
N VAL C 67 6.18 12.36 6.13
CA VAL C 67 6.87 12.10 7.39
C VAL C 67 5.83 11.57 8.36
N ASP C 68 6.09 10.38 8.89
CA ASP C 68 5.30 9.78 9.95
C ASP C 68 6.14 9.72 11.21
N ILE C 69 5.53 10.04 12.35
CA ILE C 69 6.17 9.83 13.64
C ILE C 69 5.18 9.07 14.51
N GLY C 70 5.71 8.33 15.47
CA GLY C 70 4.83 7.66 16.41
C GLY C 70 5.61 6.80 17.37
N SER C 71 4.90 5.85 17.97
CA SER C 71 5.56 4.87 18.80
C SER C 71 5.02 3.50 18.44
N GLU C 72 5.86 2.50 18.61
CA GLU C 72 5.37 1.14 18.39
C GLU C 72 6.30 0.21 19.15
N VAL C 73 5.93 -1.06 19.14
CA VAL C 73 6.66 -2.09 19.84
C VAL C 73 7.56 -2.77 18.83
N LYS C 74 8.84 -2.85 19.15
CA LYS C 74 9.80 -3.53 18.28
C LYS C 74 10.63 -4.47 19.13
N ASP C 75 10.61 -5.74 18.75
CA ASP C 75 11.26 -6.78 19.52
C ASP C 75 10.85 -6.71 21.00
N ARG C 76 9.55 -6.47 21.23
CA ARG C 76 8.91 -6.29 22.53
C ARG C 76 9.34 -5.12 23.40
N ARG C 77 10.08 -4.15 22.89
CA ARG C 77 10.31 -2.90 23.59
C ARG C 77 9.56 -1.79 22.87
N ARG C 78 8.97 -0.89 23.65
CA ARG C 78 8.33 0.30 23.10
C ARG C 78 9.38 1.31 22.68
N ILE C 79 9.26 1.82 21.46
CA ILE C 79 10.22 2.73 20.83
C ILE C 79 9.46 3.85 20.13
N SER C 80 10.07 5.03 20.06
CA SER C 80 9.59 6.07 19.17
C SER C 80 10.18 5.84 17.79
N TYR C 81 9.49 6.34 16.78
CA TYR C 81 10.03 6.15 15.43
C TYR C 81 9.71 7.35 14.55
N ILE C 82 10.48 7.47 13.48
CA ILE C 82 10.20 8.37 12.37
C ILE C 82 10.28 7.56 11.08
N LEU C 83 9.40 7.88 10.13
CA LEU C 83 9.41 7.25 8.81
C LEU C 83 9.42 8.36 7.78
N LEU C 84 10.45 8.39 6.95
CA LEU C 84 10.56 9.40 5.91
C LEU C 84 10.41 8.72 4.56
N ARG C 85 9.48 9.20 3.73
CA ARG C 85 9.35 8.71 2.37
C ARG C 85 9.90 9.77 1.43
N LEU C 86 10.94 9.40 0.70
CA LEU C 86 11.66 10.29 -0.20
C LEU C 86 11.38 9.85 -1.63
N LYS C 87 11.12 10.82 -2.50
CA LYS C 87 10.88 10.59 -3.92
C LYS C 87 12.04 11.12 -4.74
N ARG C 88 12.48 10.34 -5.73
CA ARG C 88 13.38 10.91 -6.72
C ARG C 88 12.60 11.61 -7.84
#